data_4C8K
#
_entry.id   4C8K
#
_cell.length_a   115.039
_cell.length_b   115.039
_cell.length_c   91.106
_cell.angle_alpha   90.00
_cell.angle_beta   90.00
_cell.angle_gamma   120.00
#
_symmetry.space_group_name_H-M   'P 31 2 1'
#
loop_
_entity.id
_entity.type
_entity.pdbx_description
1 polymer 'DNA POLYMERASE I, THERMOSTABLE'
2 polymer "5'-D(*GP*AP*CP*CP*AP*CP*GP*GP*CP*GP*C*DOC)-3'"
3 polymer "5'-D(*AP*AP*C*LHOP*GP*GP*CP*GP*CP*CP*GP*TP*GP*GP*TP*C)-3'"
4 non-polymer GLYCEROL
5 non-polymer ((2R,3S,5R)-3-hydroxy-5-(3-methoxynaphthalen-2-yl)methyl-tetrahydrogen-triphosphate
6 non-polymer 'MAGNESIUM ION'
7 non-polymer 2-AMINO-2-HYDROXYMETHYL-PROPANE-1,3-DIOL
8 water water
#
loop_
_entity_poly.entity_id
_entity_poly.type
_entity_poly.pdbx_seq_one_letter_code
_entity_poly.pdbx_strand_id
1 'polypeptide(L)'
;ALEEAPWPPPEGAFVGFVLSRKEPMWADLLALAAARGGRVHRAPEPYKALRDLKEARGLLAKDLSVLALREGLGLPPGDD
PMLLAYLLDPSNTTPEGVARRYGGEWTEEAGERAALSERLFANLWGRLEGEERLLWLYREVERPLSAVLAHMEATGVRLD
VAYLRALSLEVAEEIARLEAEVFRLAGHPFNLNSRDQLERVLFDELGLPAIGKTEKTGKRSTSAAVLEALREAHPIVEKI
LQYRELTKLKSTYIDPLPDLIHPRTGRLHTRFNQTATATGRLSSSDPNLQNIPVRTPLGQRIRRAFIAEEGWLLVALDYS
QIELRVLAHLSGDENLIRVFQEGRDIHTETASWMFGVPREAVDPLMRRAAKTINFGVLYGMSAHRLSQELAIPYEEAQAF
IERYFQSFPKVRAWIEKTLEEGRRRGYVETLFGRRRYVPDLEARVKSVREAAERMAFNMPVQGTAADLMKLAMVKLFPRL
EEMGARMLLQVHDELVLEAPKERAEAVARLAKEVMEGVYPLAVPLEVEVGIGEDWLSAKE
;
A
2 'polydeoxyribonucleotide' (DG)(DA)(DC)(DC)(DA)(DC)(DG)(DG)(DC)(DG)(DC)(DOC) B
3 'polydeoxyribonucleotide' (DA)(DA)(DC)(LHO)(DG)(DG)(DC)(DG)(DC)(DC)(DG)(DT)(DG)(DG)(DT)(DC) C
#
# COMPACT_ATOMS: atom_id res chain seq x y z
N ALA A 1 -32.80 17.98 21.42
CA ALA A 1 -32.86 19.13 20.53
C ALA A 1 -32.13 18.84 19.22
N LEU A 2 -32.87 18.36 18.23
CA LEU A 2 -32.31 18.00 16.92
C LEU A 2 -33.16 18.63 15.81
N GLU A 3 -32.70 19.76 15.27
CA GLU A 3 -33.46 20.48 14.25
C GLU A 3 -33.57 19.69 12.95
N GLU A 4 -34.78 19.62 12.40
CA GLU A 4 -35.04 18.95 11.15
C GLU A 4 -35.63 19.93 10.13
N ALA A 5 -35.21 19.81 8.88
CA ALA A 5 -35.66 20.71 7.82
C ALA A 5 -35.74 19.97 6.49
N PRO A 6 -36.56 20.48 5.56
CA PRO A 6 -36.79 19.77 4.29
C PRO A 6 -35.59 19.75 3.35
N TRP A 7 -35.48 18.67 2.57
CA TRP A 7 -34.54 18.59 1.48
C TRP A 7 -34.94 19.64 0.43
N PRO A 8 -33.96 20.27 -0.24
CA PRO A 8 -32.50 20.12 -0.18
C PRO A 8 -31.84 21.02 0.86
N PRO A 9 -30.59 20.70 1.22
CA PRO A 9 -29.83 21.50 2.18
C PRO A 9 -29.17 22.72 1.55
N PRO A 10 -28.68 23.65 2.38
CA PRO A 10 -27.95 24.81 1.87
C PRO A 10 -26.55 24.44 1.39
N GLU A 11 -25.84 25.40 0.81
CA GLU A 11 -24.47 25.18 0.36
C GLU A 11 -23.52 25.00 1.55
N GLY A 12 -22.50 24.18 1.34
CA GLY A 12 -21.50 23.95 2.37
C GLY A 12 -21.94 22.99 3.47
N ALA A 13 -23.13 22.40 3.29
CA ALA A 13 -23.64 21.44 4.25
C ALA A 13 -22.77 20.18 4.27
N PHE A 14 -22.77 19.48 5.41
CA PHE A 14 -22.06 18.22 5.56
C PHE A 14 -22.98 17.04 5.29
N VAL A 15 -22.54 16.13 4.42
CA VAL A 15 -23.38 15.01 3.99
C VAL A 15 -23.22 13.79 4.91
N GLY A 16 -24.29 13.02 5.05
CA GLY A 16 -24.26 11.73 5.72
C GLY A 16 -24.95 10.73 4.82
N PHE A 17 -24.50 9.47 4.83
CA PHE A 17 -25.06 8.49 3.90
C PHE A 17 -24.84 7.06 4.38
N VAL A 18 -25.74 6.17 3.96
CA VAL A 18 -25.70 4.76 4.37
C VAL A 18 -25.69 3.88 3.13
N LEU A 19 -24.69 2.99 3.07
CA LEU A 19 -24.55 2.06 1.96
C LEU A 19 -24.96 0.65 2.38
N SER A 20 -25.43 -0.14 1.42
CA SER A 20 -25.84 -1.51 1.68
C SER A 20 -24.64 -2.41 1.95
N ARG A 21 -23.45 -1.93 1.59
CA ARG A 21 -22.22 -2.68 1.77
C ARG A 21 -21.07 -1.70 1.67
N LYS A 22 -19.87 -2.13 2.03
CA LYS A 22 -18.77 -1.18 2.23
C LYS A 22 -18.15 -0.71 0.92
N GLU A 23 -18.30 -1.51 -0.14
CA GLU A 23 -17.75 -1.13 -1.44
C GLU A 23 -18.70 -0.18 -2.18
N PRO A 24 -18.28 1.07 -2.41
CA PRO A 24 -19.16 2.04 -3.07
C PRO A 24 -19.54 1.70 -4.51
N MET A 25 -18.66 1.03 -5.24
CA MET A 25 -18.98 0.68 -6.63
C MET A 25 -20.08 -0.38 -6.68
N TRP A 26 -20.24 -1.12 -5.59
CA TRP A 26 -21.19 -2.23 -5.53
C TRP A 26 -22.40 -1.93 -4.65
N ALA A 27 -22.36 -0.80 -3.96
CA ALA A 27 -23.34 -0.52 -2.92
C ALA A 27 -24.63 0.06 -3.44
N ASP A 28 -25.72 -0.35 -2.81
CA ASP A 28 -27.00 0.33 -2.95
C ASP A 28 -26.99 1.49 -1.95
N LEU A 29 -27.28 2.70 -2.42
CA LEU A 29 -27.37 3.86 -1.53
C LEU A 29 -28.71 3.85 -0.81
N LEU A 30 -28.70 3.46 0.46
CA LEU A 30 -29.93 3.25 1.22
C LEU A 30 -30.53 4.54 1.75
N ALA A 31 -29.70 5.49 2.14
CA ALA A 31 -30.18 6.76 2.66
C ALA A 31 -29.14 7.86 2.50
N LEU A 32 -29.64 9.09 2.40
CA LEU A 32 -28.80 10.25 2.21
C LEU A 32 -29.36 11.41 3.03
N ALA A 33 -28.46 12.19 3.62
CA ALA A 33 -28.87 13.34 4.42
C ALA A 33 -27.76 14.39 4.45
N ALA A 34 -28.06 15.54 5.01
CA ALA A 34 -27.11 16.63 5.11
C ALA A 34 -27.42 17.52 6.31
N ALA A 35 -26.38 18.04 6.95
CA ALA A 35 -26.54 18.85 8.15
C ALA A 35 -25.73 20.14 8.06
N ARG A 36 -26.34 21.23 8.53
CA ARG A 36 -25.65 22.51 8.64
C ARG A 36 -26.26 23.29 9.80
N GLY A 37 -25.40 23.86 10.65
CA GLY A 37 -25.85 24.56 11.84
C GLY A 37 -26.55 23.62 12.81
N GLY A 38 -26.26 22.32 12.70
CA GLY A 38 -26.91 21.32 13.53
C GLY A 38 -28.29 20.93 13.01
N ARG A 39 -28.75 21.63 11.97
CA ARG A 39 -30.05 21.34 11.36
C ARG A 39 -29.89 20.27 10.28
N VAL A 40 -30.69 19.20 10.39
CA VAL A 40 -30.53 18.03 9.54
C VAL A 40 -31.62 17.93 8.48
N HIS A 41 -31.18 17.77 7.22
CA HIS A 41 -32.09 17.58 6.08
C HIS A 41 -31.99 16.14 5.57
N ARG A 42 -33.14 15.48 5.43
CA ARG A 42 -33.17 14.08 4.99
C ARG A 42 -33.85 13.90 3.64
N ALA A 43 -33.20 13.14 2.77
CA ALA A 43 -33.65 12.98 1.38
C ALA A 43 -34.74 11.92 1.28
N PRO A 44 -35.87 12.24 0.62
CA PRO A 44 -36.91 11.23 0.47
C PRO A 44 -36.47 10.07 -0.42
N GLU A 45 -35.76 10.39 -1.51
CA GLU A 45 -35.19 9.38 -2.41
C GLU A 45 -33.71 9.66 -2.60
N PRO A 46 -32.83 8.78 -2.06
CA PRO A 46 -31.39 9.04 -2.07
C PRO A 46 -30.77 9.25 -3.44
N TYR A 47 -31.16 8.47 -4.44
CA TYR A 47 -30.53 8.55 -5.74
C TYR A 47 -30.89 9.86 -6.43
N LYS A 48 -32.14 10.26 -6.36
CA LYS A 48 -32.58 11.53 -6.94
C LYS A 48 -31.86 12.68 -6.24
N ALA A 49 -31.83 12.60 -4.92
CA ALA A 49 -31.26 13.64 -4.07
C ALA A 49 -29.76 13.87 -4.34
N LEU A 50 -29.07 12.85 -4.82
CA LEU A 50 -27.65 12.98 -5.15
C LEU A 50 -27.38 14.15 -6.11
N ARG A 51 -28.34 14.39 -7.00
CA ARG A 51 -28.21 15.43 -8.01
C ARG A 51 -28.17 16.84 -7.42
N ASP A 52 -28.71 17.00 -6.22
CA ASP A 52 -28.83 18.32 -5.60
C ASP A 52 -27.54 18.79 -4.93
N LEU A 53 -26.59 17.88 -4.72
CA LEU A 53 -25.35 18.21 -4.04
C LEU A 53 -24.30 18.72 -5.01
N LYS A 54 -23.50 19.68 -4.55
CA LYS A 54 -22.44 20.25 -5.38
C LYS A 54 -21.13 19.53 -5.10
N GLU A 55 -20.94 19.14 -3.85
CA GLU A 55 -19.75 18.39 -3.44
C GLU A 55 -20.12 17.40 -2.33
N ALA A 56 -19.30 16.37 -2.17
CA ALA A 56 -19.43 15.44 -1.07
C ALA A 56 -18.54 15.87 0.07
N ARG A 57 -19.16 16.24 1.20
CA ARG A 57 -18.44 16.85 2.30
C ARG A 57 -18.85 16.21 3.62
N GLY A 58 -17.95 15.43 4.21
CA GLY A 58 -18.24 14.75 5.45
C GLY A 58 -17.43 13.47 5.63
N LEU A 59 -17.78 12.67 6.63
CA LEU A 59 -17.08 11.42 6.87
C LEU A 59 -17.18 10.53 5.63
N LEU A 60 -16.05 10.00 5.18
CA LEU A 60 -15.99 9.09 4.04
C LEU A 60 -16.52 9.73 2.77
N ALA A 61 -16.22 11.01 2.59
CA ALA A 61 -16.68 11.75 1.42
C ALA A 61 -16.32 11.06 0.11
N LYS A 62 -15.14 10.45 0.06
CA LYS A 62 -14.67 9.83 -1.16
C LYS A 62 -15.60 8.69 -1.57
N ASP A 63 -16.03 7.89 -0.62
CA ASP A 63 -16.92 6.78 -0.89
C ASP A 63 -18.18 7.21 -1.62
N LEU A 64 -18.79 8.29 -1.15
CA LEU A 64 -20.02 8.78 -1.75
C LEU A 64 -19.74 9.32 -3.14
N SER A 65 -18.58 9.94 -3.29
CA SER A 65 -18.18 10.50 -4.57
C SER A 65 -17.95 9.39 -5.59
N VAL A 66 -17.39 8.26 -5.15
CA VAL A 66 -17.24 7.11 -6.03
C VAL A 66 -18.59 6.62 -6.49
N LEU A 67 -19.54 6.47 -5.57
CA LEU A 67 -20.88 6.04 -5.93
C LEU A 67 -21.51 7.03 -6.90
N ALA A 68 -21.30 8.33 -6.66
CA ALA A 68 -21.87 9.36 -7.53
C ALA A 68 -21.28 9.28 -8.94
N LEU A 69 -19.97 9.05 -9.05
CA LEU A 69 -19.31 8.89 -10.34
C LEU A 69 -19.84 7.67 -11.08
N ARG A 70 -20.19 6.64 -10.31
CA ARG A 70 -20.77 5.44 -10.87
C ARG A 70 -22.09 5.75 -11.57
N GLU A 71 -22.83 6.71 -11.00
CA GLU A 71 -24.11 7.11 -11.53
C GLU A 71 -23.97 8.24 -12.55
N GLY A 72 -22.74 8.53 -12.94
CA GLY A 72 -22.47 9.53 -13.96
C GLY A 72 -22.56 10.96 -13.45
N LEU A 73 -22.51 11.12 -12.14
CA LEU A 73 -22.57 12.44 -11.51
C LEU A 73 -21.19 12.94 -11.09
N GLY A 74 -20.90 14.20 -11.42
CA GLY A 74 -19.66 14.82 -11.02
C GLY A 74 -19.79 15.44 -9.64
N LEU A 75 -19.61 14.64 -8.61
CA LEU A 75 -19.74 15.10 -7.23
C LEU A 75 -18.42 14.91 -6.48
N PRO A 76 -17.52 15.89 -6.57
CA PRO A 76 -16.19 15.69 -6.00
C PRO A 76 -16.20 15.66 -4.48
N PRO A 77 -15.28 14.91 -3.86
CA PRO A 77 -15.20 14.93 -2.40
C PRO A 77 -14.45 16.18 -1.90
N GLY A 78 -14.93 16.80 -0.84
CA GLY A 78 -14.29 17.95 -0.25
C GLY A 78 -13.78 17.61 1.14
N ASP A 79 -14.11 18.45 2.12
CA ASP A 79 -13.67 18.25 3.49
C ASP A 79 -14.15 16.91 4.05
N ASP A 80 -13.25 16.22 4.74
CA ASP A 80 -13.54 14.95 5.38
C ASP A 80 -12.80 14.91 6.71
N PRO A 81 -13.54 14.87 7.83
CA PRO A 81 -12.89 14.87 9.14
C PRO A 81 -11.94 13.68 9.37
N MET A 82 -12.16 12.58 8.65
CA MET A 82 -11.28 11.42 8.76
C MET A 82 -9.87 11.80 8.37
N LEU A 83 -9.74 12.64 7.35
CA LEU A 83 -8.44 13.08 6.88
C LEU A 83 -7.77 13.94 7.94
N LEU A 84 -8.50 14.89 8.53
CA LEU A 84 -7.98 15.70 9.63
C LEU A 84 -7.52 14.83 10.78
N ALA A 85 -8.37 13.90 11.18
CA ALA A 85 -8.09 13.05 12.32
C ALA A 85 -6.84 12.24 12.05
N TYR A 86 -6.77 11.71 10.83
CA TYR A 86 -5.66 10.88 10.39
C TYR A 86 -4.34 11.66 10.37
N LEU A 87 -4.38 12.93 10.00
CA LEU A 87 -3.17 13.74 10.02
C LEU A 87 -2.77 14.07 11.45
N LEU A 88 -3.74 14.23 12.34
CA LEU A 88 -3.46 14.45 13.76
C LEU A 88 -2.78 13.23 14.37
N ASP A 89 -3.26 12.05 14.00
CA ASP A 89 -2.75 10.79 14.54
C ASP A 89 -3.22 9.66 13.62
N PRO A 90 -2.29 9.04 12.88
CA PRO A 90 -2.70 8.03 11.89
C PRO A 90 -3.27 6.75 12.50
N SER A 91 -3.37 6.68 13.83
CA SER A 91 -4.11 5.59 14.48
C SER A 91 -5.61 5.86 14.41
N ASN A 92 -5.98 7.06 13.98
CA ASN A 92 -7.37 7.40 13.65
C ASN A 92 -7.73 6.89 12.25
N THR A 93 -8.25 5.67 12.17
CA THR A 93 -8.45 5.02 10.88
C THR A 93 -9.92 4.85 10.49
N THR A 94 -10.84 4.92 11.45
CA THR A 94 -12.25 4.69 11.19
C THR A 94 -13.14 5.77 11.80
N PRO A 95 -14.34 5.98 11.23
CA PRO A 95 -15.29 6.93 11.81
C PRO A 95 -15.64 6.57 13.24
N GLU A 96 -15.83 5.28 13.47
CA GLU A 96 -16.15 4.76 14.79
C GLU A 96 -15.04 5.09 15.78
N GLY A 97 -13.79 4.83 15.39
CA GLY A 97 -12.64 5.10 16.23
C GLY A 97 -12.50 6.58 16.53
N VAL A 98 -12.67 7.41 15.50
CA VAL A 98 -12.56 8.86 15.63
C VAL A 98 -13.65 9.41 16.53
N ALA A 99 -14.88 8.93 16.36
CA ALA A 99 -15.98 9.39 17.19
C ALA A 99 -15.75 9.01 18.64
N ARG A 100 -15.30 7.78 18.87
CA ARG A 100 -15.02 7.33 20.23
C ARG A 100 -14.00 8.23 20.92
N ARG A 101 -13.03 8.71 20.15
CA ARG A 101 -11.93 9.49 20.71
C ARG A 101 -12.30 10.95 20.93
N TYR A 102 -12.86 11.59 19.90
CA TYR A 102 -13.02 13.04 19.92
C TYR A 102 -14.42 13.50 20.32
N GLY A 103 -15.40 12.61 20.20
CA GLY A 103 -16.75 12.92 20.61
C GLY A 103 -17.80 12.46 19.62
N GLY A 104 -18.91 11.94 20.15
CA GLY A 104 -20.02 11.52 19.32
C GLY A 104 -20.09 10.01 19.15
N GLU A 105 -21.15 9.58 18.48
CA GLU A 105 -21.40 8.16 18.24
C GLU A 105 -21.58 7.94 16.73
N TRP A 106 -20.77 7.05 16.17
CA TRP A 106 -20.94 6.66 14.77
C TRP A 106 -22.06 5.64 14.66
N THR A 107 -23.21 6.07 14.16
CA THR A 107 -24.39 5.20 14.08
C THR A 107 -24.68 4.79 12.64
N GLU A 108 -25.83 4.14 12.44
CA GLU A 108 -26.23 3.63 11.13
C GLU A 108 -27.36 4.44 10.51
N GLU A 109 -27.44 5.72 10.86
CA GLU A 109 -28.50 6.59 10.36
C GLU A 109 -27.89 7.79 9.64
N ALA A 110 -28.41 8.07 8.44
CA ALA A 110 -27.82 9.08 7.57
C ALA A 110 -27.77 10.45 8.23
N GLY A 111 -28.88 10.88 8.80
CA GLY A 111 -28.94 12.18 9.45
C GLY A 111 -27.91 12.32 10.55
N GLU A 112 -27.79 11.31 11.39
CA GLU A 112 -26.87 11.38 12.51
C GLU A 112 -25.41 11.36 12.03
N ARG A 113 -25.14 10.65 10.93
CA ARG A 113 -23.81 10.63 10.37
C ARG A 113 -23.48 12.00 9.80
N ALA A 114 -24.48 12.67 9.24
CA ALA A 114 -24.29 14.00 8.68
C ALA A 114 -23.98 15.01 9.79
N ALA A 115 -24.76 14.97 10.87
CA ALA A 115 -24.57 15.84 12.02
C ALA A 115 -23.22 15.58 12.68
N LEU A 116 -22.88 14.30 12.81
CA LEU A 116 -21.61 13.90 13.39
C LEU A 116 -20.44 14.45 12.57
N SER A 117 -20.56 14.40 11.24
CA SER A 117 -19.51 14.89 10.35
C SER A 117 -19.20 16.34 10.62
N GLU A 118 -20.24 17.17 10.71
CA GLU A 118 -20.09 18.60 10.97
C GLU A 118 -19.47 18.90 12.34
N ARG A 119 -19.95 18.20 13.36
CA ARG A 119 -19.40 18.38 14.70
C ARG A 119 -17.94 17.98 14.74
N LEU A 120 -17.61 16.88 14.07
CA LEU A 120 -16.24 16.40 14.10
C LEU A 120 -15.31 17.29 13.28
N PHE A 121 -15.82 17.89 12.21
CA PHE A 121 -14.97 18.76 11.40
C PHE A 121 -14.64 20.03 12.17
N ALA A 122 -15.62 20.58 12.86
CA ALA A 122 -15.41 21.80 13.66
C ALA A 122 -14.39 21.51 14.76
N ASN A 123 -14.64 20.46 15.52
CA ASN A 123 -13.73 20.02 16.56
C ASN A 123 -12.33 19.82 16.02
N LEU A 124 -12.20 18.97 15.00
CA LEU A 124 -10.89 18.57 14.52
C LEU A 124 -10.16 19.71 13.80
N TRP A 125 -10.90 20.53 13.07
CA TRP A 125 -10.29 21.65 12.36
C TRP A 125 -9.68 22.66 13.34
N GLY A 126 -10.28 22.76 14.53
CA GLY A 126 -9.80 23.64 15.57
C GLY A 126 -8.55 23.11 16.27
N ARG A 127 -8.48 21.79 16.44
CA ARG A 127 -7.29 21.16 17.01
C ARG A 127 -6.08 21.33 16.08
N LEU A 128 -6.34 21.62 14.81
CA LEU A 128 -5.29 21.74 13.81
C LEU A 128 -4.85 23.17 13.58
N GLU A 129 -5.56 24.12 14.17
CA GLU A 129 -5.15 25.51 14.06
C GLU A 129 -3.84 25.69 14.82
N GLY A 130 -2.85 26.27 14.13
CA GLY A 130 -1.52 26.37 14.66
C GLY A 130 -0.60 25.33 14.04
N GLU A 131 -1.17 24.20 13.64
CA GLU A 131 -0.41 23.10 13.03
C GLU A 131 -0.27 23.33 11.52
N GLU A 132 0.55 24.29 11.13
CA GLU A 132 0.60 24.72 9.74
C GLU A 132 1.15 23.67 8.79
N ARG A 133 2.00 22.77 9.30
CA ARG A 133 2.55 21.73 8.45
C ARG A 133 1.50 20.65 8.21
N LEU A 134 0.71 20.34 9.23
CA LEU A 134 -0.39 19.39 9.08
C LEU A 134 -1.47 19.98 8.18
N LEU A 135 -1.71 21.28 8.29
CA LEU A 135 -2.73 21.93 7.49
C LEU A 135 -2.29 22.04 6.03
N TRP A 136 -0.99 22.15 5.81
CA TRP A 136 -0.46 22.16 4.45
C TRP A 136 -0.67 20.79 3.82
N LEU A 137 -0.37 19.75 4.57
CA LEU A 137 -0.61 18.39 4.11
C LEU A 137 -2.08 18.20 3.77
N TYR A 138 -2.96 18.76 4.59
CA TYR A 138 -4.38 18.57 4.39
C TYR A 138 -4.82 19.26 3.10
N ARG A 139 -4.47 20.53 2.97
CA ARG A 139 -4.93 21.35 1.85
C ARG A 139 -4.27 20.98 0.54
N GLU A 140 -3.01 20.57 0.59
CA GLU A 140 -2.21 20.41 -0.62
C GLU A 140 -2.07 18.97 -1.05
N VAL A 141 -2.26 18.02 -0.13
CA VAL A 141 -2.08 16.60 -0.44
C VAL A 141 -3.35 15.79 -0.23
N GLU A 142 -3.79 15.66 1.02
CA GLU A 142 -4.82 14.68 1.34
C GLU A 142 -6.18 15.03 0.76
N ARG A 143 -6.63 16.26 0.94
CA ARG A 143 -7.96 16.63 0.48
C ARG A 143 -8.07 16.58 -1.04
N PRO A 144 -7.11 17.17 -1.76
CA PRO A 144 -7.18 17.03 -3.22
C PRO A 144 -6.95 15.59 -3.70
N LEU A 145 -6.14 14.83 -2.97
CA LEU A 145 -5.86 13.45 -3.35
C LEU A 145 -7.12 12.60 -3.29
N SER A 146 -8.00 12.91 -2.34
CA SER A 146 -9.22 12.13 -2.18
C SER A 146 -10.05 12.18 -3.47
N ALA A 147 -9.99 13.28 -4.20
CA ALA A 147 -10.73 13.38 -5.48
C ALA A 147 -10.03 12.57 -6.57
N VAL A 148 -8.70 12.55 -6.55
CA VAL A 148 -7.92 11.70 -7.46
C VAL A 148 -8.27 10.23 -7.23
N LEU A 149 -8.28 9.82 -5.97
CA LEU A 149 -8.62 8.43 -5.64
C LEU A 149 -10.04 8.09 -6.08
N ALA A 150 -10.96 9.04 -5.95
CA ALA A 150 -12.35 8.79 -6.31
C ALA A 150 -12.45 8.44 -7.80
N HIS A 151 -11.71 9.14 -8.64
N HIS A 151 -11.71 9.17 -8.63
CA HIS A 151 -11.71 8.85 -10.07
CA HIS A 151 -11.63 8.89 -10.05
C HIS A 151 -10.98 7.54 -10.37
C HIS A 151 -11.04 7.52 -10.30
N MET A 152 -9.94 7.23 -9.60
CA MET A 152 -9.23 5.97 -9.79
C MET A 152 -10.14 4.79 -9.48
N GLU A 153 -10.84 4.87 -8.36
CA GLU A 153 -11.72 3.79 -7.97
C GLU A 153 -12.88 3.60 -8.96
N ALA A 154 -13.44 4.69 -9.47
CA ALA A 154 -14.61 4.61 -10.33
C ALA A 154 -14.26 4.19 -11.76
N THR A 155 -13.00 4.41 -12.15
CA THR A 155 -12.55 4.04 -13.47
C THR A 155 -12.30 2.53 -13.56
N GLY A 156 -11.72 1.97 -12.51
CA GLY A 156 -11.39 0.56 -12.48
C GLY A 156 -10.33 0.20 -13.51
N VAL A 157 -10.00 -1.09 -13.59
CA VAL A 157 -9.02 -1.58 -14.55
C VAL A 157 -9.61 -2.72 -15.36
N ARG A 158 -9.34 -2.76 -16.65
CA ARG A 158 -9.84 -3.84 -17.49
C ARG A 158 -9.06 -5.13 -17.23
N LEU A 159 -9.77 -6.24 -17.22
CA LEU A 159 -9.20 -7.54 -16.90
C LEU A 159 -9.48 -8.53 -18.03
N ASP A 160 -8.48 -9.32 -18.41
CA ASP A 160 -8.64 -10.35 -19.46
C ASP A 160 -9.21 -11.61 -18.83
N VAL A 161 -10.54 -11.64 -18.69
CA VAL A 161 -11.21 -12.73 -18.01
C VAL A 161 -10.96 -14.09 -18.68
N ALA A 162 -11.15 -14.15 -20.00
CA ALA A 162 -10.98 -15.42 -20.72
C ALA A 162 -9.59 -15.98 -20.48
N TYR A 163 -8.59 -15.11 -20.53
CA TYR A 163 -7.21 -15.50 -20.26
C TYR A 163 -7.08 -16.15 -18.89
N LEU A 164 -7.70 -15.56 -17.87
CA LEU A 164 -7.59 -16.05 -16.49
C LEU A 164 -8.37 -17.36 -16.30
N ARG A 165 -9.52 -17.47 -16.95
CA ARG A 165 -10.29 -18.71 -16.93
C ARG A 165 -9.47 -19.86 -17.50
N ALA A 166 -8.76 -19.61 -18.59
CA ALA A 166 -7.92 -20.66 -19.19
C ALA A 166 -6.72 -20.91 -18.28
N LEU A 167 -6.17 -19.85 -17.70
CA LEU A 167 -5.04 -20.00 -16.80
C LEU A 167 -5.42 -20.79 -15.55
N SER A 168 -6.69 -20.67 -15.15
CA SER A 168 -7.21 -21.40 -14.00
C SER A 168 -7.19 -22.91 -14.24
N LEU A 169 -7.70 -23.33 -15.39
CA LEU A 169 -7.73 -24.75 -15.76
C LEU A 169 -6.33 -25.35 -15.74
N GLU A 170 -5.41 -24.65 -16.38
CA GLU A 170 -4.03 -25.11 -16.49
C GLU A 170 -3.39 -25.30 -15.12
N VAL A 171 -3.61 -24.35 -14.22
CA VAL A 171 -3.01 -24.38 -12.89
C VAL A 171 -3.64 -25.49 -12.04
N ALA A 172 -4.92 -25.74 -12.28
CA ALA A 172 -5.64 -26.77 -11.54
C ALA A 172 -5.08 -28.16 -11.81
N GLU A 173 -4.69 -28.40 -13.06
CA GLU A 173 -4.10 -29.68 -13.45
C GLU A 173 -2.75 -29.86 -12.78
N GLU A 174 -2.00 -28.77 -12.66
CA GLU A 174 -0.71 -28.82 -12.01
C GLU A 174 -0.89 -29.07 -10.50
N ILE A 175 -1.94 -28.46 -9.94
CA ILE A 175 -2.26 -28.62 -8.53
C ILE A 175 -2.66 -30.06 -8.24
N ALA A 176 -3.43 -30.64 -9.14
CA ALA A 176 -3.89 -32.02 -9.00
C ALA A 176 -2.71 -33.00 -9.08
N ARG A 177 -1.75 -32.73 -9.96
CA ARG A 177 -0.56 -33.55 -10.08
C ARG A 177 0.24 -33.53 -8.76
N LEU A 178 0.54 -32.34 -8.27
CA LEU A 178 1.33 -32.18 -7.04
C LEU A 178 0.65 -32.84 -5.85
N GLU A 179 -0.66 -32.68 -5.75
CA GLU A 179 -1.42 -33.27 -4.65
C GLU A 179 -1.24 -34.79 -4.62
N ALA A 180 -1.31 -35.42 -5.79
CA ALA A 180 -1.20 -36.87 -5.88
C ALA A 180 0.16 -37.35 -5.39
N GLU A 181 1.21 -36.64 -5.81
CA GLU A 181 2.56 -37.00 -5.42
C GLU A 181 2.74 -36.86 -3.90
N VAL A 182 2.17 -35.80 -3.33
CA VAL A 182 2.26 -35.58 -1.89
C VAL A 182 1.56 -36.70 -1.14
N PHE A 183 0.37 -37.09 -1.60
CA PHE A 183 -0.37 -38.20 -1.01
C PHE A 183 0.43 -39.51 -1.07
N ARG A 184 1.12 -39.72 -2.19
CA ARG A 184 1.96 -40.90 -2.37
C ARG A 184 3.07 -40.91 -1.33
N LEU A 185 3.81 -39.81 -1.24
CA LEU A 185 4.94 -39.73 -0.29
C LEU A 185 4.46 -39.78 1.16
N ALA A 186 3.27 -39.25 1.42
CA ALA A 186 2.69 -39.28 2.75
C ALA A 186 2.10 -40.66 3.06
N GLY A 187 1.67 -41.37 2.01
CA GLY A 187 1.11 -42.70 2.18
C GLY A 187 -0.39 -42.67 2.47
N HIS A 188 -1.00 -41.50 2.35
CA HIS A 188 -2.44 -41.36 2.55
C HIS A 188 -2.89 -39.96 2.20
N PRO A 189 -4.16 -39.81 1.80
CA PRO A 189 -4.68 -38.46 1.58
C PRO A 189 -4.91 -37.71 2.89
N PHE A 190 -4.87 -36.39 2.79
CA PHE A 190 -5.24 -35.50 3.88
C PHE A 190 -5.48 -34.15 3.24
N ASN A 191 -5.99 -33.20 4.01
CA ASN A 191 -6.17 -31.85 3.50
C ASN A 191 -4.84 -31.10 3.53
N LEU A 192 -4.30 -30.85 2.34
CA LEU A 192 -2.99 -30.21 2.24
C LEU A 192 -3.07 -28.72 2.52
N ASN A 193 -4.27 -28.14 2.42
CA ASN A 193 -4.49 -26.73 2.74
C ASN A 193 -4.65 -26.50 4.24
N SER A 194 -4.68 -27.59 5.01
CA SER A 194 -4.75 -27.51 6.45
C SER A 194 -3.37 -27.66 7.07
N ARG A 195 -2.87 -26.59 7.66
CA ARG A 195 -1.55 -26.62 8.25
C ARG A 195 -1.55 -27.53 9.49
N ASP A 196 -2.69 -27.69 10.15
CA ASP A 196 -2.77 -28.60 11.29
C ASP A 196 -2.56 -30.05 10.88
N GLN A 197 -3.14 -30.43 9.75
CA GLN A 197 -2.99 -31.80 9.25
C GLN A 197 -1.59 -31.99 8.68
N LEU A 198 -1.08 -30.96 8.03
CA LEU A 198 0.27 -31.01 7.48
C LEU A 198 1.30 -31.15 8.60
N GLU A 199 1.06 -30.48 9.71
CA GLU A 199 1.97 -30.54 10.87
C GLU A 199 2.14 -31.98 11.33
N ARG A 200 1.02 -32.70 11.41
CA ARG A 200 1.04 -34.10 11.84
C ARG A 200 1.79 -34.98 10.85
N VAL A 201 1.53 -34.80 9.56
CA VAL A 201 2.16 -35.62 8.55
C VAL A 201 3.67 -35.43 8.56
N LEU A 202 4.12 -34.18 8.71
CA LEU A 202 5.54 -33.87 8.61
C LEU A 202 6.32 -34.25 9.86
N PHE A 203 5.77 -33.92 11.02
CA PHE A 203 6.53 -33.97 12.26
C PHE A 203 6.19 -35.15 13.17
N ASP A 204 5.02 -35.77 12.96
CA ASP A 204 4.64 -36.95 13.75
C ASP A 204 4.82 -38.23 12.95
N GLU A 205 4.41 -38.22 11.69
CA GLU A 205 4.45 -39.44 10.87
C GLU A 205 5.78 -39.64 10.17
N LEU A 206 6.22 -38.65 9.40
CA LEU A 206 7.49 -38.73 8.68
C LEU A 206 8.68 -38.40 9.58
N GLY A 207 8.39 -37.89 10.78
CA GLY A 207 9.41 -37.68 11.78
C GLY A 207 10.46 -36.66 11.43
N LEU A 208 10.10 -35.69 10.60
CA LEU A 208 11.03 -34.61 10.26
C LEU A 208 11.20 -33.68 11.47
N PRO A 209 12.36 -33.00 11.56
CA PRO A 209 12.61 -32.14 12.72
C PRO A 209 11.84 -30.81 12.69
N ALA A 210 11.16 -30.50 13.79
CA ALA A 210 10.46 -29.23 13.94
C ALA A 210 11.46 -28.13 14.31
N ILE A 211 11.49 -27.05 13.53
CA ILE A 211 12.48 -26.00 13.70
C ILE A 211 11.95 -24.81 14.50
N GLY A 212 10.74 -24.39 14.17
CA GLY A 212 10.14 -23.22 14.80
C GLY A 212 8.70 -23.45 15.20
N LYS A 213 8.21 -22.61 16.09
CA LYS A 213 6.83 -22.67 16.54
C LYS A 213 6.05 -21.45 16.06
N THR A 214 4.73 -21.58 16.06
CA THR A 214 3.87 -20.45 15.67
C THR A 214 3.70 -19.50 16.86
N GLU A 215 3.44 -18.23 16.56
CA GLU A 215 3.48 -17.17 17.58
C GLU A 215 2.51 -17.35 18.75
N LYS A 216 1.23 -17.51 18.44
CA LYS A 216 0.17 -17.44 19.45
C LYS A 216 -0.10 -18.76 20.16
N THR A 217 -0.06 -19.86 19.41
CA THR A 217 -0.49 -21.16 19.92
C THR A 217 0.67 -22.13 20.15
N GLY A 218 1.86 -21.76 19.71
CA GLY A 218 3.03 -22.61 19.90
C GLY A 218 2.95 -23.95 19.17
N LYS A 219 2.22 -23.99 18.06
CA LYS A 219 2.22 -25.18 17.22
C LYS A 219 3.56 -25.27 16.49
N ARG A 220 3.90 -26.43 15.97
CA ARG A 220 5.07 -26.56 15.11
C ARG A 220 4.77 -25.94 13.74
N SER A 221 5.63 -25.04 13.29
CA SER A 221 5.35 -24.27 12.08
C SER A 221 5.62 -25.05 10.78
N THR A 222 4.79 -24.77 9.78
CA THR A 222 4.92 -25.33 8.45
C THR A 222 5.12 -24.21 7.44
N SER A 223 5.59 -23.05 7.91
CA SER A 223 5.77 -21.90 7.04
C SER A 223 6.82 -22.20 5.98
N ALA A 224 6.88 -21.36 4.94
CA ALA A 224 7.81 -21.57 3.84
C ALA A 224 9.26 -21.52 4.32
N ALA A 225 9.52 -20.69 5.32
CA ALA A 225 10.86 -20.56 5.87
C ALA A 225 11.33 -21.88 6.49
N VAL A 226 10.47 -22.50 7.30
CA VAL A 226 10.76 -23.80 7.87
C VAL A 226 10.90 -24.88 6.80
N LEU A 227 10.05 -24.85 5.78
CA LEU A 227 10.09 -25.89 4.76
C LEU A 227 11.34 -25.74 3.89
N GLU A 228 11.79 -24.51 3.67
CA GLU A 228 13.02 -24.27 2.94
C GLU A 228 14.20 -24.95 3.63
N ALA A 229 14.30 -24.77 4.95
CA ALA A 229 15.37 -25.39 5.72
C ALA A 229 15.24 -26.91 5.76
N LEU A 230 14.11 -27.43 5.29
CA LEU A 230 13.80 -28.85 5.36
C LEU A 230 13.76 -29.49 3.97
N ARG A 231 14.14 -28.72 2.95
CA ARG A 231 14.15 -29.23 1.58
C ARG A 231 14.85 -30.57 1.44
N GLU A 232 16.02 -30.69 2.04
CA GLU A 232 16.88 -31.87 1.85
C GLU A 232 16.49 -33.06 2.71
N ALA A 233 15.60 -32.84 3.66
CA ALA A 233 15.27 -33.86 4.64
C ALA A 233 14.29 -34.90 4.09
N HIS A 234 13.50 -34.53 3.09
CA HIS A 234 12.49 -35.43 2.56
C HIS A 234 11.96 -34.89 1.22
N PRO A 235 11.67 -35.78 0.25
CA PRO A 235 11.22 -35.30 -1.06
C PRO A 235 9.86 -34.62 -1.03
N ILE A 236 9.09 -34.84 0.02
CA ILE A 236 7.74 -34.30 0.11
C ILE A 236 7.78 -32.79 0.30
N VAL A 237 8.81 -32.30 0.98
CA VAL A 237 8.89 -30.88 1.33
C VAL A 237 8.84 -29.98 0.11
N GLU A 238 9.70 -30.25 -0.87
CA GLU A 238 9.75 -29.43 -2.08
C GLU A 238 8.43 -29.45 -2.83
N LYS A 239 7.73 -30.57 -2.73
CA LYS A 239 6.44 -30.73 -3.42
C LYS A 239 5.38 -29.85 -2.78
N ILE A 240 5.41 -29.78 -1.45
CA ILE A 240 4.47 -28.95 -0.69
C ILE A 240 4.69 -27.47 -1.03
N LEU A 241 5.94 -27.06 -1.15
CA LEU A 241 6.25 -25.66 -1.46
C LEU A 241 5.68 -25.31 -2.82
N GLN A 242 5.90 -26.16 -3.80
CA GLN A 242 5.34 -25.94 -5.13
C GLN A 242 3.81 -25.86 -5.06
N TYR A 243 3.20 -26.79 -4.34
CA TYR A 243 1.75 -26.78 -4.16
C TYR A 243 1.29 -25.44 -3.58
N ARG A 244 1.90 -25.03 -2.47
CA ARG A 244 1.55 -23.78 -1.80
C ARG A 244 1.59 -22.62 -2.78
N GLU A 245 2.62 -22.61 -3.61
CA GLU A 245 2.80 -21.53 -4.59
C GLU A 245 1.61 -21.45 -5.54
N LEU A 246 1.19 -22.61 -6.06
CA LEU A 246 0.12 -22.62 -7.04
C LEU A 246 -1.23 -22.28 -6.41
N THR A 247 -1.52 -22.86 -5.25
CA THR A 247 -2.84 -22.67 -4.64
C THR A 247 -2.99 -21.27 -4.09
N LYS A 248 -1.86 -20.67 -3.70
CA LYS A 248 -1.86 -19.30 -3.20
C LYS A 248 -2.37 -18.35 -4.27
N LEU A 249 -1.82 -18.49 -5.48
CA LEU A 249 -2.13 -17.60 -6.58
C LEU A 249 -3.50 -17.90 -7.17
N LYS A 250 -3.88 -19.17 -7.17
CA LYS A 250 -5.19 -19.55 -7.71
C LYS A 250 -6.32 -19.07 -6.80
N SER A 251 -6.20 -19.35 -5.50
CA SER A 251 -7.26 -19.03 -4.55
C SER A 251 -7.39 -17.53 -4.24
N THR A 252 -6.34 -16.76 -4.51
CA THR A 252 -6.32 -15.33 -4.16
C THR A 252 -6.46 -14.39 -5.37
N TYR A 253 -6.04 -14.85 -6.54
CA TYR A 253 -6.04 -14.00 -7.73
C TYR A 253 -6.79 -14.60 -8.90
N ILE A 254 -6.35 -15.77 -9.37
CA ILE A 254 -6.88 -16.34 -10.60
C ILE A 254 -8.39 -16.57 -10.53
N ASP A 255 -8.86 -17.22 -9.46
CA ASP A 255 -10.27 -17.56 -9.35
C ASP A 255 -11.16 -16.39 -8.91
N PRO A 256 -10.72 -15.62 -7.90
CA PRO A 256 -11.65 -14.62 -7.38
C PRO A 256 -11.80 -13.37 -8.27
N LEU A 257 -10.73 -12.96 -8.95
CA LEU A 257 -10.72 -11.68 -9.64
C LEU A 257 -11.74 -11.62 -10.79
N PRO A 258 -11.80 -12.65 -11.64
CA PRO A 258 -12.78 -12.66 -12.73
C PRO A 258 -14.23 -12.41 -12.28
N ASP A 259 -14.59 -12.84 -11.08
CA ASP A 259 -15.98 -12.70 -10.61
C ASP A 259 -16.27 -11.32 -10.03
N LEU A 260 -15.27 -10.44 -10.02
CA LEU A 260 -15.41 -9.11 -9.43
C LEU A 260 -15.57 -8.02 -10.50
N ILE A 261 -15.75 -8.45 -11.74
CA ILE A 261 -15.96 -7.52 -12.84
C ILE A 261 -17.33 -6.88 -12.68
N HIS A 262 -17.39 -5.56 -12.84
CA HIS A 262 -18.63 -4.82 -12.62
C HIS A 262 -19.50 -4.82 -13.88
N PRO A 263 -20.81 -5.03 -13.73
CA PRO A 263 -21.70 -5.15 -14.90
C PRO A 263 -21.86 -3.86 -15.71
N ARG A 264 -21.84 -2.72 -15.04
CA ARG A 264 -21.99 -1.43 -15.70
C ARG A 264 -20.73 -1.08 -16.50
N THR A 265 -19.58 -1.23 -15.86
CA THR A 265 -18.31 -0.76 -16.41
C THR A 265 -17.53 -1.83 -17.17
N GLY A 266 -17.76 -3.08 -16.81
CA GLY A 266 -16.98 -4.17 -17.38
C GLY A 266 -15.55 -4.17 -16.90
N ARG A 267 -15.30 -3.46 -15.80
CA ARG A 267 -13.95 -3.36 -15.27
C ARG A 267 -13.91 -3.77 -13.80
N LEU A 268 -12.70 -3.77 -13.26
CA LEU A 268 -12.44 -4.23 -11.90
C LEU A 268 -12.10 -3.03 -11.04
N HIS A 269 -12.84 -2.87 -9.94
CA HIS A 269 -12.73 -1.68 -9.09
C HIS A 269 -12.26 -1.99 -7.68
N THR A 270 -11.05 -1.56 -7.36
CA THR A 270 -10.53 -1.66 -5.99
C THR A 270 -10.92 -0.42 -5.20
N ARG A 271 -10.54 -0.44 -3.92
CA ARG A 271 -10.73 0.71 -3.05
C ARG A 271 -9.38 1.16 -2.54
N PHE A 272 -9.13 2.46 -2.63
CA PHE A 272 -7.90 3.03 -2.13
C PHE A 272 -8.18 3.72 -0.81
N ASN A 273 -7.84 3.04 0.28
CA ASN A 273 -8.12 3.54 1.61
C ASN A 273 -7.08 4.57 2.02
N GLN A 274 -7.54 5.76 2.38
CA GLN A 274 -6.67 6.89 2.57
C GLN A 274 -6.25 7.11 4.03
N THR A 275 -6.91 6.41 4.96
CA THR A 275 -6.58 6.55 6.38
C THR A 275 -6.46 5.19 7.07
N ALA A 276 -5.56 4.35 6.57
CA ALA A 276 -5.46 2.96 7.00
C ALA A 276 -4.08 2.55 7.51
N THR A 277 -3.05 3.34 7.21
CA THR A 277 -1.68 2.98 7.61
C THR A 277 -1.07 3.96 8.61
N ALA A 278 -0.07 3.46 9.36
CA ALA A 278 0.55 4.25 10.40
C ALA A 278 1.62 5.20 9.86
N THR A 279 1.91 5.10 8.56
CA THR A 279 3.03 5.82 7.96
C THR A 279 2.63 6.88 6.93
N GLY A 280 1.38 6.88 6.51
CA GLY A 280 0.92 7.76 5.46
C GLY A 280 0.82 7.08 4.09
N ARG A 281 1.15 5.79 4.04
CA ARG A 281 0.89 5.03 2.82
C ARG A 281 -0.61 4.86 2.58
N LEU A 282 -0.99 4.72 1.33
CA LEU A 282 -2.33 4.26 0.97
C LEU A 282 -2.41 2.77 1.20
N SER A 283 -3.62 2.23 1.23
CA SER A 283 -3.80 0.80 1.13
C SER A 283 -4.89 0.52 0.10
N SER A 284 -4.92 -0.71 -0.38
CA SER A 284 -5.88 -1.14 -1.39
C SER A 284 -6.66 -2.34 -0.89
N SER A 285 -7.96 -2.38 -1.11
CA SER A 285 -8.76 -3.52 -0.66
C SER A 285 -10.04 -3.72 -1.48
N ASP A 286 -10.59 -4.93 -1.40
CA ASP A 286 -11.89 -5.29 -1.99
C ASP A 286 -11.99 -5.09 -3.51
N PRO A 287 -11.06 -5.67 -4.29
CA PRO A 287 -9.91 -6.48 -3.87
C PRO A 287 -8.66 -5.65 -3.71
N ASN A 288 -7.65 -6.20 -3.07
CA ASN A 288 -6.34 -5.56 -2.99
C ASN A 288 -5.63 -5.66 -4.34
N LEU A 289 -5.44 -4.52 -5.00
CA LEU A 289 -4.69 -4.51 -6.27
C LEU A 289 -3.27 -3.96 -6.09
N GLN A 290 -2.81 -3.94 -4.84
CA GLN A 290 -1.43 -3.55 -4.53
C GLN A 290 -0.55 -4.76 -4.23
N ASN A 291 -1.09 -5.97 -4.36
CA ASN A 291 -0.29 -7.16 -4.18
C ASN A 291 -0.55 -8.20 -5.24
N ILE A 292 -0.79 -7.73 -6.46
CA ILE A 292 -0.87 -8.63 -7.60
C ILE A 292 0.50 -9.26 -7.81
N PRO A 293 0.54 -10.59 -8.04
CA PRO A 293 1.82 -11.29 -8.16
C PRO A 293 2.68 -10.77 -9.31
N VAL A 294 4.00 -10.85 -9.16
CA VAL A 294 4.91 -10.38 -10.20
C VAL A 294 6.25 -11.13 -10.20
N ARG A 295 6.62 -11.73 -9.07
CA ARG A 295 7.98 -12.22 -8.88
C ARG A 295 8.28 -13.56 -9.55
N THR A 296 7.36 -14.51 -9.43
CA THR A 296 7.58 -15.84 -9.99
C THR A 296 6.95 -15.95 -11.39
N PRO A 297 7.33 -16.98 -12.16
CA PRO A 297 6.81 -17.16 -13.53
C PRO A 297 5.29 -17.22 -13.62
N LEU A 298 4.62 -17.88 -12.69
CA LEU A 298 3.16 -17.92 -12.76
C LEU A 298 2.57 -16.55 -12.44
N GLY A 299 3.19 -15.86 -11.50
CA GLY A 299 2.72 -14.55 -11.10
C GLY A 299 2.75 -13.56 -12.24
N GLN A 300 3.82 -13.60 -13.04
CA GLN A 300 3.95 -12.69 -14.16
C GLN A 300 2.84 -12.94 -15.18
N ARG A 301 2.33 -14.17 -15.23
CA ARG A 301 1.25 -14.50 -16.15
C ARG A 301 -0.04 -13.86 -15.67
N ILE A 302 -0.22 -13.75 -14.36
CA ILE A 302 -1.41 -13.10 -13.83
C ILE A 302 -1.41 -11.62 -14.22
N ARG A 303 -0.23 -10.99 -14.23
CA ARG A 303 -0.14 -9.57 -14.57
C ARG A 303 -0.59 -9.28 -15.98
N ARG A 304 -0.34 -10.22 -16.89
CA ARG A 304 -0.69 -10.05 -18.29
C ARG A 304 -2.20 -9.93 -18.44
N ALA A 305 -2.95 -10.38 -17.43
CA ALA A 305 -4.42 -10.32 -17.47
C ALA A 305 -4.96 -8.91 -17.19
N PHE A 306 -4.12 -8.03 -16.67
CA PHE A 306 -4.48 -6.63 -16.51
C PHE A 306 -4.08 -5.87 -17.77
N ILE A 307 -5.06 -5.39 -18.52
CA ILE A 307 -4.81 -4.79 -19.82
C ILE A 307 -5.53 -3.46 -20.01
N ALA A 308 -5.21 -2.77 -21.09
CA ALA A 308 -5.83 -1.48 -21.42
C ALA A 308 -7.12 -1.67 -22.24
N GLU A 309 -7.99 -0.67 -22.15
CA GLU A 309 -9.17 -0.61 -23.00
C GLU A 309 -8.74 -0.64 -24.47
N GLU A 310 -9.61 -1.15 -25.34
CA GLU A 310 -9.33 -1.18 -26.78
C GLU A 310 -9.02 0.22 -27.29
N GLY A 311 -7.84 0.37 -27.90
CA GLY A 311 -7.42 1.65 -28.43
C GLY A 311 -6.67 2.48 -27.41
N TRP A 312 -6.28 1.85 -26.31
CA TRP A 312 -5.51 2.51 -25.25
C TRP A 312 -4.27 1.70 -24.92
N LEU A 313 -3.34 2.32 -24.20
CA LEU A 313 -2.16 1.62 -23.68
C LEU A 313 -2.02 1.89 -22.18
N LEU A 314 -1.31 1.01 -21.48
CA LEU A 314 -0.96 1.23 -20.09
C LEU A 314 0.39 1.90 -19.99
N VAL A 315 0.50 2.88 -19.10
CA VAL A 315 1.75 3.55 -18.83
C VAL A 315 2.14 3.26 -17.38
N ALA A 316 3.24 2.57 -17.19
CA ALA A 316 3.71 2.22 -15.86
C ALA A 316 4.95 3.04 -15.51
N LEU A 317 4.87 3.75 -14.39
CA LEU A 317 5.97 4.57 -13.91
C LEU A 317 6.35 4.15 -12.50
N ASP A 318 7.65 3.90 -12.28
CA ASP A 318 8.15 3.44 -10.99
C ASP A 318 9.29 4.32 -10.49
N TYR A 319 9.22 4.76 -9.23
CA TYR A 319 10.34 5.44 -8.58
C TYR A 319 11.46 4.45 -8.30
N SER A 320 12.68 4.77 -8.71
CA SER A 320 13.82 3.91 -8.45
C SER A 320 14.41 4.17 -7.09
N GLN A 321 14.42 3.15 -6.24
CA GLN A 321 14.98 3.22 -4.88
C GLN A 321 14.58 4.46 -4.12
N ILE A 322 13.28 4.73 -4.01
CA ILE A 322 12.84 6.00 -3.44
C ILE A 322 13.18 6.11 -1.96
N GLU A 323 13.13 5.00 -1.23
CA GLU A 323 13.37 5.03 0.20
C GLU A 323 14.82 5.37 0.50
N LEU A 324 15.75 4.78 -0.25
CA LEU A 324 17.15 5.09 -0.05
C LEU A 324 17.47 6.53 -0.46
N ARG A 325 16.81 7.03 -1.50
CA ARG A 325 17.03 8.40 -1.92
C ARG A 325 16.49 9.37 -0.88
N VAL A 326 15.36 9.04 -0.29
CA VAL A 326 14.82 9.82 0.82
C VAL A 326 15.80 9.80 1.98
N LEU A 327 16.32 8.62 2.30
CA LEU A 327 17.28 8.47 3.39
C LEU A 327 18.51 9.35 3.15
N ALA A 328 19.00 9.38 1.91
CA ALA A 328 20.12 10.23 1.57
C ALA A 328 19.81 11.69 1.90
N HIS A 329 18.60 12.12 1.55
CA HIS A 329 18.20 13.50 1.79
C HIS A 329 18.10 13.80 3.27
N LEU A 330 17.37 12.95 3.98
CA LEU A 330 17.11 13.17 5.39
C LEU A 330 18.39 13.15 6.21
N SER A 331 19.30 12.23 5.89
CA SER A 331 20.52 12.07 6.67
C SER A 331 21.57 13.07 6.22
N GLY A 332 21.57 13.40 4.94
CA GLY A 332 22.55 14.32 4.40
C GLY A 332 23.91 13.63 4.24
N ASP A 333 23.90 12.31 4.33
CA ASP A 333 25.13 11.55 4.19
C ASP A 333 25.77 11.82 2.83
N GLU A 334 26.99 12.35 2.84
CA GLU A 334 27.64 12.79 1.61
C GLU A 334 27.96 11.63 0.69
N ASN A 335 28.34 10.49 1.28
CA ASN A 335 28.62 9.30 0.50
C ASN A 335 27.36 8.83 -0.22
N LEU A 336 26.27 8.70 0.54
CA LEU A 336 25.03 8.20 -0.02
C LEU A 336 24.46 9.16 -1.07
N ILE A 337 24.59 10.46 -0.83
CA ILE A 337 24.16 11.46 -1.79
C ILE A 337 24.96 11.36 -3.09
N ARG A 338 26.27 11.13 -2.95
CA ARG A 338 27.16 11.04 -4.10
C ARG A 338 26.71 9.95 -5.06
N VAL A 339 26.39 8.78 -4.50
CA VAL A 339 25.98 7.64 -5.31
C VAL A 339 24.85 8.04 -6.24
N PHE A 340 23.86 8.74 -5.70
CA PHE A 340 22.66 9.09 -6.46
C PHE A 340 22.88 10.28 -7.39
N GLN A 341 23.73 11.22 -6.99
CA GLN A 341 24.00 12.39 -7.83
C GLN A 341 24.79 12.01 -9.08
N GLU A 342 25.55 10.93 -9.00
CA GLU A 342 26.35 10.46 -10.13
C GLU A 342 25.61 9.38 -10.94
N GLY A 343 24.38 9.07 -10.55
CA GLY A 343 23.56 8.13 -11.28
C GLY A 343 24.12 6.72 -11.29
N ARG A 344 24.44 6.21 -10.09
CA ARG A 344 24.91 4.84 -9.93
C ARG A 344 23.84 4.03 -9.21
N ASP A 345 23.93 2.71 -9.31
CA ASP A 345 22.99 1.81 -8.67
C ASP A 345 23.49 1.40 -7.29
N ILE A 346 22.89 1.99 -6.26
CA ILE A 346 23.30 1.74 -4.87
C ILE A 346 23.41 0.24 -4.57
N HIS A 347 22.46 -0.54 -5.09
CA HIS A 347 22.49 -1.98 -4.88
C HIS A 347 23.73 -2.59 -5.53
N THR A 348 24.15 -2.03 -6.66
CA THR A 348 25.35 -2.50 -7.34
C THR A 348 26.60 -1.94 -6.67
N GLU A 349 26.50 -0.71 -6.16
CA GLU A 349 27.60 -0.09 -5.43
C GLU A 349 27.85 -0.83 -4.13
N THR A 350 26.78 -1.34 -3.53
CA THR A 350 26.88 -2.07 -2.28
C THR A 350 27.59 -3.41 -2.49
N ALA A 351 27.17 -4.15 -3.50
CA ALA A 351 27.77 -5.44 -3.82
C ALA A 351 29.27 -5.32 -4.07
N SER A 352 29.67 -4.24 -4.75
CA SER A 352 31.10 -3.99 -5.00
C SER A 352 31.86 -3.79 -3.70
N TRP A 353 31.27 -3.03 -2.77
CA TRP A 353 31.87 -2.81 -1.46
C TRP A 353 31.49 -3.92 -0.47
N MET A 354 31.05 -5.05 -1.00
CA MET A 354 30.74 -6.23 -0.19
C MET A 354 31.59 -7.41 -0.65
N PHE A 355 31.64 -7.61 -1.96
CA PHE A 355 32.34 -8.75 -2.56
C PHE A 355 33.70 -8.35 -3.11
N GLY A 356 34.05 -7.07 -2.97
CA GLY A 356 35.35 -6.57 -3.38
C GLY A 356 35.57 -6.56 -4.87
N VAL A 357 34.48 -6.59 -5.63
CA VAL A 357 34.54 -6.51 -7.09
C VAL A 357 34.32 -5.06 -7.49
N PRO A 358 34.55 -4.71 -8.76
CA PRO A 358 34.10 -3.40 -9.23
C PRO A 358 32.68 -3.49 -9.77
N ARG A 359 31.98 -2.36 -9.84
CA ARG A 359 30.54 -2.35 -10.17
C ARG A 359 30.19 -3.08 -11.46
N GLU A 360 31.18 -3.38 -12.29
CA GLU A 360 30.96 -4.09 -13.54
C GLU A 360 30.86 -5.61 -13.35
N ALA A 361 31.53 -6.11 -12.31
CA ALA A 361 31.62 -7.56 -12.10
C ALA A 361 30.59 -8.09 -11.11
N VAL A 362 29.45 -7.41 -11.02
CA VAL A 362 28.39 -7.81 -10.09
C VAL A 362 27.27 -8.58 -10.78
N ASP A 363 27.20 -9.87 -10.52
CA ASP A 363 26.12 -10.71 -11.05
C ASP A 363 24.90 -10.57 -10.14
N PRO A 364 23.75 -11.13 -10.57
CA PRO A 364 22.53 -11.03 -9.75
C PRO A 364 22.65 -11.71 -8.38
N LEU A 365 23.56 -12.67 -8.26
CA LEU A 365 23.83 -13.32 -6.97
C LEU A 365 24.25 -12.30 -5.93
N MET A 366 25.07 -11.36 -6.35
CA MET A 366 25.70 -10.41 -5.44
C MET A 366 24.86 -9.14 -5.26
N ARG A 367 24.03 -8.84 -6.23
CA ARG A 367 23.10 -7.72 -6.11
C ARG A 367 21.91 -8.13 -5.25
N ARG A 368 21.61 -9.43 -5.25
CA ARG A 368 20.58 -9.98 -4.39
C ARG A 368 21.01 -9.87 -2.92
N ALA A 369 22.31 -10.00 -2.69
CA ALA A 369 22.87 -9.89 -1.34
C ALA A 369 22.94 -8.44 -0.90
N ALA A 370 23.29 -7.57 -1.84
CA ALA A 370 23.34 -6.13 -1.59
C ALA A 370 21.98 -5.61 -1.17
N LYS A 371 20.94 -6.08 -1.85
CA LYS A 371 19.56 -5.79 -1.48
C LYS A 371 19.33 -6.10 0.00
N THR A 372 19.83 -7.25 0.44
CA THR A 372 19.60 -7.71 1.80
C THR A 372 20.21 -6.76 2.82
N ILE A 373 21.49 -6.42 2.64
CA ILE A 373 22.17 -5.54 3.58
C ILE A 373 21.57 -4.13 3.58
N ASN A 374 21.26 -3.60 2.39
CA ASN A 374 20.70 -2.26 2.29
C ASN A 374 19.33 -2.15 2.96
N PHE A 375 18.38 -2.98 2.56
CA PHE A 375 17.04 -2.95 3.16
C PHE A 375 17.09 -3.42 4.62
N GLY A 376 18.00 -4.33 4.92
CA GLY A 376 18.14 -4.86 6.26
C GLY A 376 18.42 -3.76 7.27
N VAL A 377 19.31 -2.83 6.91
CA VAL A 377 19.67 -1.74 7.81
C VAL A 377 18.55 -0.69 7.87
N LEU A 378 17.88 -0.46 6.73
CA LEU A 378 16.74 0.46 6.70
C LEU A 378 15.63 0.03 7.66
N TYR A 379 15.49 -1.27 7.84
CA TYR A 379 14.39 -1.83 8.61
C TYR A 379 14.84 -2.42 9.96
N GLY A 380 16.13 -2.34 10.25
CA GLY A 380 16.64 -2.78 11.54
C GLY A 380 16.87 -4.28 11.66
N MET A 381 17.27 -4.89 10.54
CA MET A 381 17.62 -6.30 10.53
C MET A 381 18.70 -6.64 11.55
N SER A 382 18.51 -7.76 12.24
CA SER A 382 19.45 -8.22 13.25
C SER A 382 20.63 -8.92 12.59
N ALA A 383 21.71 -9.06 13.34
CA ALA A 383 22.90 -9.73 12.83
C ALA A 383 22.60 -11.20 12.56
N HIS A 384 21.89 -11.85 13.47
CA HIS A 384 21.51 -13.24 13.30
C HIS A 384 20.72 -13.45 12.01
N ARG A 385 19.74 -12.58 11.78
CA ARG A 385 18.93 -12.65 10.57
C ARG A 385 19.79 -12.44 9.32
N LEU A 386 20.64 -11.43 9.37
CA LEU A 386 21.50 -11.11 8.23
C LEU A 386 22.45 -12.26 7.91
N SER A 387 23.01 -12.88 8.95
CA SER A 387 23.92 -14.00 8.79
C SER A 387 23.21 -15.18 8.13
N GLN A 388 21.91 -15.28 8.35
CA GLN A 388 21.12 -16.38 7.82
C GLN A 388 20.76 -16.13 6.35
N GLU A 389 20.37 -14.89 6.05
CA GLU A 389 19.97 -14.53 4.69
C GLU A 389 21.17 -14.52 3.74
N LEU A 390 22.34 -14.19 4.25
CA LEU A 390 23.57 -14.15 3.44
C LEU A 390 24.38 -15.43 3.57
N ALA A 391 23.94 -16.34 4.44
CA ALA A 391 24.63 -17.61 4.66
C ALA A 391 26.09 -17.40 5.09
N ILE A 392 26.28 -16.57 6.12
CA ILE A 392 27.61 -16.26 6.65
C ILE A 392 27.61 -16.45 8.17
N PRO A 393 28.82 -16.52 8.77
CA PRO A 393 28.94 -16.54 10.24
C PRO A 393 28.34 -15.31 10.91
N TYR A 394 27.78 -15.50 12.10
CA TYR A 394 27.18 -14.43 12.87
C TYR A 394 28.17 -13.30 13.12
N GLU A 395 29.43 -13.67 13.32
CA GLU A 395 30.46 -12.70 13.70
C GLU A 395 30.83 -11.77 12.55
N GLU A 396 30.77 -12.27 11.32
CA GLU A 396 31.11 -11.43 10.17
C GLU A 396 29.88 -10.68 9.69
N ALA A 397 28.70 -11.10 10.16
CA ALA A 397 27.47 -10.36 9.91
C ALA A 397 27.48 -9.09 10.76
N GLN A 398 27.91 -9.22 12.02
CA GLN A 398 28.11 -8.07 12.88
C GLN A 398 29.06 -7.06 12.25
N ALA A 399 30.13 -7.56 11.65
CA ALA A 399 31.14 -6.71 11.04
C ALA A 399 30.60 -5.99 9.80
N PHE A 400 29.73 -6.66 9.05
CA PHE A 400 29.11 -6.03 7.89
C PHE A 400 28.23 -4.86 8.32
N ILE A 401 27.44 -5.08 9.37
CA ILE A 401 26.57 -4.03 9.91
C ILE A 401 27.40 -2.81 10.32
N GLU A 402 28.50 -3.07 11.01
CA GLU A 402 29.33 -1.98 11.52
C GLU A 402 30.03 -1.27 10.37
N ARG A 403 30.49 -2.03 9.38
CA ARG A 403 31.16 -1.46 8.22
C ARG A 403 30.22 -0.53 7.47
N TYR A 404 28.95 -0.94 7.38
CA TYR A 404 27.95 -0.13 6.71
C TYR A 404 27.82 1.23 7.37
N PHE A 405 27.59 1.25 8.68
CA PHE A 405 27.43 2.51 9.41
C PHE A 405 28.73 3.32 9.42
N GLN A 406 29.86 2.64 9.30
CA GLN A 406 31.15 3.32 9.19
C GLN A 406 31.24 4.04 7.85
N SER A 407 30.57 3.48 6.84
CA SER A 407 30.60 4.04 5.49
C SER A 407 29.52 5.11 5.32
N PHE A 408 28.49 5.05 6.17
CA PHE A 408 27.41 6.02 6.14
C PHE A 408 27.12 6.55 7.54
N PRO A 409 28.09 7.24 8.16
CA PRO A 409 27.98 7.70 9.55
C PRO A 409 26.83 8.68 9.79
N LYS A 410 26.49 9.49 8.80
CA LYS A 410 25.37 10.40 8.93
C LYS A 410 24.05 9.65 9.04
N VAL A 411 23.97 8.45 8.46
CA VAL A 411 22.79 7.62 8.58
C VAL A 411 22.62 7.20 10.03
N ARG A 412 23.71 6.77 10.65
CA ARG A 412 23.66 6.39 12.06
C ARG A 412 23.27 7.59 12.91
N ALA A 413 23.89 8.73 12.61
CA ALA A 413 23.58 9.97 13.32
C ALA A 413 22.11 10.31 13.17
N TRP A 414 21.57 10.19 11.96
CA TRP A 414 20.19 10.52 11.70
C TRP A 414 19.24 9.60 12.48
N ILE A 415 19.58 8.31 12.52
CA ILE A 415 18.76 7.35 13.26
C ILE A 415 18.68 7.77 14.72
N GLU A 416 19.83 8.00 15.31
CA GLU A 416 19.88 8.34 16.73
C GLU A 416 19.21 9.69 17.01
N LYS A 417 19.37 10.64 16.10
CA LYS A 417 18.73 11.94 16.23
C LYS A 417 17.21 11.81 16.15
N THR A 418 16.74 10.91 15.29
CA THR A 418 15.31 10.68 15.11
C THR A 418 14.69 10.04 16.35
N LEU A 419 15.41 9.11 16.96
CA LEU A 419 14.90 8.39 18.14
C LEU A 419 14.86 9.30 19.37
N GLU A 420 15.89 10.12 19.55
CA GLU A 420 15.94 11.06 20.65
C GLU A 420 14.75 12.02 20.55
N GLU A 421 14.54 12.55 19.35
CA GLU A 421 13.39 13.38 19.06
C GLU A 421 12.11 12.63 19.37
N GLY A 422 12.06 11.36 18.98
CA GLY A 422 10.93 10.51 19.26
C GLY A 422 10.69 10.34 20.75
N ARG A 423 11.78 10.10 21.49
CA ARG A 423 11.69 9.93 22.95
C ARG A 423 11.17 11.21 23.61
N ARG A 424 11.60 12.35 23.10
CA ARG A 424 11.27 13.65 23.66
C ARG A 424 9.83 14.08 23.35
N ARG A 425 9.52 14.18 22.06
CA ARG A 425 8.23 14.69 21.61
C ARG A 425 7.11 13.65 21.59
N GLY A 426 7.48 12.38 21.57
CA GLY A 426 6.51 11.30 21.56
C GLY A 426 6.03 10.92 20.16
N TYR A 427 6.58 11.55 19.14
CA TYR A 427 6.27 11.20 17.75
C TYR A 427 7.48 11.40 16.84
N VAL A 428 7.40 10.84 15.65
CA VAL A 428 8.41 11.04 14.61
C VAL A 428 7.74 11.62 13.38
N GLU A 429 8.53 12.21 12.50
CA GLU A 429 8.00 13.05 11.43
C GLU A 429 8.64 12.80 10.08
N THR A 430 7.82 12.85 9.02
CA THR A 430 8.33 12.83 7.67
C THR A 430 8.91 14.19 7.33
N LEU A 431 9.43 14.31 6.11
CA LEU A 431 9.98 15.56 5.63
C LEU A 431 8.94 16.69 5.62
N PHE A 432 7.71 16.36 5.25
CA PHE A 432 6.62 17.34 5.18
C PHE A 432 5.92 17.58 6.52
N GLY A 433 6.27 16.76 7.51
CA GLY A 433 5.75 16.92 8.86
C GLY A 433 4.61 15.98 9.23
N ARG A 434 4.36 14.95 8.43
CA ARG A 434 3.39 13.93 8.82
C ARG A 434 3.91 13.21 10.06
N ARG A 435 3.04 13.00 11.05
CA ARG A 435 3.47 12.46 12.34
C ARG A 435 3.03 11.01 12.56
N ARG A 436 3.88 10.26 13.26
CA ARG A 436 3.47 8.99 13.84
C ARG A 436 3.86 8.96 15.30
N TYR A 437 2.86 8.79 16.16
CA TYR A 437 3.13 8.67 17.58
C TYR A 437 3.65 7.27 17.86
N VAL A 438 4.86 7.20 18.38
CA VAL A 438 5.48 5.92 18.70
C VAL A 438 5.76 5.83 20.21
N PRO A 439 4.90 5.11 20.93
CA PRO A 439 5.16 4.90 22.36
C PRO A 439 6.19 3.80 22.58
N ASP A 440 6.52 3.55 23.85
CA ASP A 440 7.43 2.48 24.24
C ASP A 440 8.86 2.70 23.73
N LEU A 441 9.15 3.88 23.19
CA LEU A 441 10.52 4.22 22.82
C LEU A 441 11.44 4.23 24.04
N GLU A 442 10.85 4.35 25.23
CA GLU A 442 11.60 4.31 26.47
C GLU A 442 11.13 3.16 27.36
N ALA A 443 10.54 2.14 26.73
CA ALA A 443 10.11 0.95 27.45
C ALA A 443 11.30 0.30 28.15
N ARG A 444 11.02 -0.40 29.24
CA ARG A 444 12.07 -0.96 30.08
C ARG A 444 12.38 -2.41 29.71
N VAL A 445 11.58 -2.98 28.81
CA VAL A 445 11.88 -4.27 28.21
C VAL A 445 12.58 -4.05 26.87
N LYS A 446 13.78 -4.59 26.72
CA LYS A 446 14.60 -4.30 25.55
C LYS A 446 13.91 -4.67 24.24
N SER A 447 13.30 -5.85 24.20
CA SER A 447 12.67 -6.34 22.97
C SER A 447 11.51 -5.44 22.52
N VAL A 448 10.76 -4.92 23.48
CA VAL A 448 9.67 -3.98 23.20
C VAL A 448 10.25 -2.64 22.75
N ARG A 449 11.23 -2.12 23.48
CA ARG A 449 11.87 -0.85 23.14
C ARG A 449 12.46 -0.88 21.74
N GLU A 450 13.22 -1.92 21.41
CA GLU A 450 13.89 -1.95 20.13
C GLU A 450 12.91 -2.11 18.95
N ALA A 451 11.85 -2.87 19.16
CA ALA A 451 10.79 -2.97 18.14
C ALA A 451 10.20 -1.60 17.85
N ALA A 452 9.99 -0.81 18.91
CA ALA A 452 9.42 0.53 18.78
C ALA A 452 10.40 1.46 18.07
N GLU A 453 11.70 1.30 18.36
CA GLU A 453 12.72 2.09 17.68
C GLU A 453 12.72 1.86 16.17
N ARG A 454 12.61 0.60 15.74
CA ARG A 454 12.58 0.30 14.32
C ARG A 454 11.36 0.94 13.65
N MET A 455 10.22 0.91 14.33
CA MET A 455 9.03 1.56 13.80
C MET A 455 9.27 3.05 13.67
N ALA A 456 9.98 3.61 14.67
CA ALA A 456 10.16 5.04 14.75
C ALA A 456 11.05 5.57 13.63
N PHE A 457 12.23 4.98 13.44
CA PHE A 457 13.14 5.57 12.47
C PHE A 457 12.81 5.11 11.04
N ASN A 458 11.89 4.15 10.91
CA ASN A 458 11.42 3.78 9.58
C ASN A 458 10.39 4.75 9.04
N MET A 459 9.55 5.29 9.92
CA MET A 459 8.38 6.03 9.48
C MET A 459 8.72 7.28 8.64
N PRO A 460 9.76 8.04 9.03
CA PRO A 460 10.11 9.21 8.21
C PRO A 460 10.54 8.87 6.80
N VAL A 461 11.15 7.69 6.63
CA VAL A 461 11.58 7.25 5.32
C VAL A 461 10.37 6.78 4.51
N GLN A 462 9.64 5.81 5.03
CA GLN A 462 8.49 5.26 4.32
C GLN A 462 7.43 6.33 4.12
N GLY A 463 7.25 7.16 5.15
CA GLY A 463 6.24 8.20 5.11
C GLY A 463 6.58 9.33 4.17
N THR A 464 7.85 9.72 4.11
CA THR A 464 8.26 10.75 3.16
C THR A 464 8.04 10.25 1.75
N ALA A 465 8.48 9.02 1.47
CA ALA A 465 8.27 8.40 0.17
C ALA A 465 6.78 8.39 -0.17
N ALA A 466 5.94 8.20 0.84
CA ALA A 466 4.48 8.18 0.62
C ALA A 466 3.97 9.56 0.29
N ASP A 467 4.50 10.58 0.98
CA ASP A 467 4.11 11.96 0.74
C ASP A 467 4.49 12.41 -0.67
N LEU A 468 5.67 11.98 -1.14
CA LEU A 468 6.13 12.39 -2.46
C LEU A 468 5.26 11.77 -3.54
N MET A 469 4.92 10.50 -3.38
CA MET A 469 4.04 9.83 -4.34
C MET A 469 2.66 10.48 -4.33
N LYS A 470 2.11 10.72 -3.14
CA LYS A 470 0.79 11.33 -3.02
C LYS A 470 0.75 12.71 -3.67
N LEU A 471 1.80 13.51 -3.46
CA LEU A 471 1.83 14.85 -4.01
C LEU A 471 1.93 14.80 -5.54
N ALA A 472 2.72 13.86 -6.04
CA ALA A 472 2.86 13.66 -7.47
C ALA A 472 1.52 13.30 -8.12
N MET A 473 0.74 12.46 -7.45
CA MET A 473 -0.57 12.10 -7.97
C MET A 473 -1.46 13.33 -8.02
N VAL A 474 -1.38 14.18 -7.00
CA VAL A 474 -2.20 15.39 -6.94
C VAL A 474 -1.88 16.32 -8.11
N LYS A 475 -0.59 16.53 -8.37
CA LYS A 475 -0.16 17.42 -9.45
C LYS A 475 -0.44 16.83 -10.84
N LEU A 476 -0.27 15.52 -10.96
CA LEU A 476 -0.35 14.86 -12.25
C LEU A 476 -1.79 14.74 -12.77
N PHE A 477 -2.71 14.43 -11.87
CA PHE A 477 -4.09 14.11 -12.26
C PHE A 477 -4.74 15.14 -13.18
N PRO A 478 -4.65 16.44 -12.85
CA PRO A 478 -5.27 17.39 -13.78
C PRO A 478 -4.54 17.53 -15.12
N ARG A 479 -3.24 17.20 -15.17
CA ARG A 479 -2.53 17.16 -16.45
C ARG A 479 -3.01 15.96 -17.27
N LEU A 480 -3.31 14.85 -16.59
CA LEU A 480 -3.82 13.67 -17.28
C LEU A 480 -5.18 13.95 -17.88
N GLU A 481 -6.05 14.61 -17.12
CA GLU A 481 -7.40 14.87 -17.58
C GLU A 481 -7.42 15.74 -18.83
N GLU A 482 -6.56 16.75 -18.86
CA GLU A 482 -6.53 17.67 -20.00
C GLU A 482 -5.86 17.02 -21.22
N MET A 483 -5.36 15.79 -21.05
CA MET A 483 -4.82 15.02 -22.17
C MET A 483 -5.66 13.78 -22.46
N GLY A 484 -6.81 13.67 -21.79
CA GLY A 484 -7.72 12.55 -22.00
C GLY A 484 -7.15 11.22 -21.52
N ALA A 485 -6.33 11.27 -20.48
CA ALA A 485 -5.69 10.07 -19.95
C ALA A 485 -6.20 9.80 -18.54
N ARG A 486 -5.94 8.59 -18.04
CA ARG A 486 -6.47 8.12 -16.77
C ARG A 486 -5.38 7.63 -15.81
N MET A 487 -5.61 7.84 -14.53
CA MET A 487 -4.83 7.21 -13.47
C MET A 487 -5.60 5.99 -12.99
N LEU A 488 -4.96 4.82 -13.00
CA LEU A 488 -5.65 3.57 -12.69
C LEU A 488 -5.25 2.96 -11.35
N LEU A 489 -3.95 2.82 -11.11
CA LEU A 489 -3.47 2.12 -9.93
C LEU A 489 -2.23 2.80 -9.35
N GLN A 490 -2.14 2.75 -8.01
CA GLN A 490 -0.94 3.16 -7.31
C GLN A 490 -0.47 1.98 -6.47
N VAL A 491 0.82 1.64 -6.58
CA VAL A 491 1.40 0.57 -5.77
C VAL A 491 2.59 1.12 -4.99
N HIS A 492 2.30 2.06 -4.09
CA HIS A 492 3.26 2.62 -3.13
C HIS A 492 4.33 3.48 -3.80
N ASP A 493 5.17 2.89 -4.65
CA ASP A 493 6.13 3.68 -5.41
C ASP A 493 5.95 3.48 -6.93
N GLU A 494 4.76 3.05 -7.34
CA GLU A 494 4.44 2.84 -8.75
C GLU A 494 3.08 3.45 -9.09
N LEU A 495 2.98 3.99 -10.29
CA LEU A 495 1.70 4.40 -10.87
C LEU A 495 1.46 3.69 -12.19
N VAL A 496 0.21 3.29 -12.41
CA VAL A 496 -0.23 2.76 -13.69
C VAL A 496 -1.27 3.69 -14.28
N LEU A 497 -0.99 4.21 -15.47
CA LEU A 497 -1.89 5.10 -16.16
C LEU A 497 -2.47 4.42 -17.38
N GLU A 498 -3.57 4.95 -17.85
CA GLU A 498 -4.20 4.51 -19.09
C GLU A 498 -4.33 5.71 -20.00
N ALA A 499 -3.85 5.61 -21.23
CA ALA A 499 -3.92 6.73 -22.17
C ALA A 499 -4.28 6.25 -23.56
N PRO A 500 -4.99 7.08 -24.33
CA PRO A 500 -5.23 6.72 -25.73
C PRO A 500 -3.92 6.42 -26.45
N LYS A 501 -3.97 5.45 -27.37
CA LYS A 501 -2.78 4.94 -28.05
C LYS A 501 -1.87 6.04 -28.60
N GLU A 502 -2.48 7.11 -29.09
CA GLU A 502 -1.76 8.14 -29.81
C GLU A 502 -1.01 9.04 -28.85
N ARG A 503 -1.65 9.36 -27.73
CA ARG A 503 -1.07 10.29 -26.76
C ARG A 503 -0.25 9.58 -25.69
N ALA A 504 -0.13 8.26 -25.79
CA ALA A 504 0.54 7.46 -24.76
C ALA A 504 1.97 7.92 -24.49
N GLU A 505 2.70 8.28 -25.54
CA GLU A 505 4.08 8.71 -25.38
C GLU A 505 4.17 10.06 -24.69
N ALA A 506 3.32 11.01 -25.11
CA ALA A 506 3.32 12.34 -24.52
C ALA A 506 2.88 12.29 -23.06
N VAL A 507 1.96 11.38 -22.74
CA VAL A 507 1.52 11.19 -21.36
C VAL A 507 2.66 10.59 -20.54
N ALA A 508 3.38 9.65 -21.14
CA ALA A 508 4.49 8.98 -20.47
C ALA A 508 5.60 9.96 -20.12
N ARG A 509 5.94 10.83 -21.06
CA ARG A 509 7.01 11.79 -20.83
C ARG A 509 6.59 12.79 -19.77
N LEU A 510 5.37 13.30 -19.87
CA LEU A 510 4.86 14.29 -18.94
C LEU A 510 4.79 13.74 -17.52
N ALA A 511 4.20 12.56 -17.39
CA ALA A 511 4.05 11.91 -16.10
C ALA A 511 5.41 11.68 -15.45
N LYS A 512 6.38 11.29 -16.26
CA LYS A 512 7.73 11.06 -15.76
C LYS A 512 8.31 12.34 -15.14
N GLU A 513 8.18 13.45 -15.86
CA GLU A 513 8.69 14.73 -15.38
C GLU A 513 8.01 15.18 -14.10
N VAL A 514 6.68 15.14 -14.06
CA VAL A 514 5.94 15.57 -12.87
C VAL A 514 6.36 14.76 -11.65
N MET A 515 6.53 13.45 -11.83
CA MET A 515 6.94 12.59 -10.72
C MET A 515 8.38 12.87 -10.29
N GLU A 516 9.28 13.03 -11.27
CA GLU A 516 10.69 13.27 -10.95
C GLU A 516 10.93 14.62 -10.28
N GLY A 517 10.06 15.60 -10.57
CA GLY A 517 10.24 16.95 -10.07
C GLY A 517 9.19 17.37 -9.07
N VAL A 518 8.54 16.40 -8.43
CA VAL A 518 7.43 16.70 -7.52
C VAL A 518 7.91 17.55 -6.35
N TYR A 519 9.12 17.27 -5.86
CA TYR A 519 9.70 18.03 -4.76
C TYR A 519 11.23 17.79 -4.73
N PRO A 520 12.01 18.73 -5.29
CA PRO A 520 13.43 18.43 -5.46
C PRO A 520 14.18 18.20 -4.15
N LEU A 521 15.00 17.16 -4.14
CA LEU A 521 15.77 16.77 -2.97
C LEU A 521 17.26 17.00 -3.22
N ALA A 522 18.07 16.71 -2.21
CA ALA A 522 19.52 16.79 -2.32
C ALA A 522 20.03 15.75 -3.32
N VAL A 523 19.17 14.80 -3.67
CA VAL A 523 19.46 13.81 -4.70
C VAL A 523 18.34 13.85 -5.73
N PRO A 524 18.64 13.46 -6.96
CA PRO A 524 17.57 13.40 -7.97
C PRO A 524 16.61 12.24 -7.71
N LEU A 525 15.38 12.38 -8.18
CA LEU A 525 14.46 11.25 -8.26
C LEU A 525 14.46 10.74 -9.69
N GLU A 526 14.64 9.43 -9.83
CA GLU A 526 14.64 8.81 -11.15
C GLU A 526 13.38 7.97 -11.27
N VAL A 527 12.78 8.01 -12.45
CA VAL A 527 11.55 7.27 -12.73
C VAL A 527 11.71 6.39 -13.96
N GLU A 528 11.56 5.09 -13.76
CA GLU A 528 11.49 4.14 -14.85
C GLU A 528 10.09 4.19 -15.43
N VAL A 529 10.00 4.36 -16.75
CA VAL A 529 8.71 4.43 -17.43
C VAL A 529 8.65 3.35 -18.51
N GLY A 530 7.46 2.79 -18.71
CA GLY A 530 7.25 1.77 -19.72
C GLY A 530 5.83 1.86 -20.24
N ILE A 531 5.64 1.36 -21.47
CA ILE A 531 4.35 1.43 -22.14
C ILE A 531 4.03 0.07 -22.75
N GLY A 532 2.78 -0.37 -22.60
CA GLY A 532 2.38 -1.66 -23.12
C GLY A 532 0.87 -1.84 -23.12
N GLU A 533 0.41 -2.95 -23.66
CA GLU A 533 -1.02 -3.23 -23.74
C GLU A 533 -1.50 -3.94 -22.49
N ASP A 534 -0.56 -4.48 -21.73
CA ASP A 534 -0.88 -5.11 -20.45
C ASP A 534 0.14 -4.71 -19.41
N TRP A 535 -0.17 -4.97 -18.15
CA TRP A 535 0.66 -4.54 -17.03
C TRP A 535 2.07 -5.14 -17.10
N LEU A 536 2.17 -6.39 -17.54
CA LEU A 536 3.48 -7.04 -17.63
C LEU A 536 4.32 -6.44 -18.74
N SER A 537 3.77 -6.41 -19.94
CA SER A 537 4.52 -5.90 -21.09
C SER A 537 4.81 -4.42 -20.92
N ALA A 538 3.96 -3.72 -20.17
CA ALA A 538 4.14 -2.29 -19.95
C ALA A 538 5.39 -2.04 -19.11
N LYS A 539 5.55 -2.84 -18.07
CA LYS A 539 6.69 -2.72 -17.15
C LYS A 539 7.95 -3.36 -17.73
N GLU A 540 7.80 -4.02 -18.87
CA GLU A 540 8.88 -4.77 -19.50
C GLU A 540 9.50 -3.95 -20.63
#